data_2IG6
#
_entry.id   2IG6
#
_cell.length_a   52.431
_cell.length_b   65.305
_cell.length_c   108.788
_cell.angle_alpha   90.000
_cell.angle_beta   90.000
_cell.angle_gamma   90.000
#
_symmetry.space_group_name_H-M   'P 21 21 21'
#
loop_
_entity.id
_entity.type
_entity.pdbx_description
1 polymer 'NimC/NimA family protein'
2 non-polymer 'SULFATE ION'
3 non-polymer 'FLAVIN MONONUCLEOTIDE'
4 non-polymer 'UNKNOWN LIGAND'
5 non-polymer 1,2-ETHANEDIOL
6 water water
#
_entity_poly.entity_id   1
_entity_poly.type   'polypeptide(L)'
_entity_poly.pdbx_seq_one_letter_code
;(MSE)GSDKIHHHHHHENLYFQG(MSE)KRALEFLKECGVFYLATNEGDQPRVRPFGAVFEYEGKLYIVSNNTKKCFKQ
(MSE)IQNPKVEISG(MSE)NKKGQWIRLTGEVANDDRREVKELALEAVPSLKN(MSE)YSVDDGIFAVLYFTKGEGTIC
SFKGENETFSL
;
_entity_poly.pdbx_strand_id   A,B
#
# COMPACT_ATOMS: atom_id res chain seq x y z
N HIS A 8 -17.14 -16.35 -5.67
CA HIS A 8 -17.48 -15.84 -7.03
C HIS A 8 -18.28 -16.89 -7.82
N HIS A 9 -19.39 -16.47 -8.41
CA HIS A 9 -20.25 -17.33 -9.23
C HIS A 9 -20.54 -16.67 -10.58
N HIS A 10 -20.30 -17.39 -11.68
CA HIS A 10 -20.44 -16.84 -13.04
C HIS A 10 -21.81 -16.22 -13.33
N HIS A 11 -22.87 -16.79 -12.75
CA HIS A 11 -24.24 -16.33 -13.00
C HIS A 11 -24.63 -15.05 -12.23
N HIS A 12 -23.75 -14.63 -11.30
CA HIS A 12 -23.86 -13.31 -10.66
C HIS A 12 -22.98 -12.27 -11.36
N GLU A 13 -22.54 -12.57 -12.58
CA GLU A 13 -21.64 -11.67 -13.31
C GLU A 13 -22.28 -10.29 -13.56
N ASN A 14 -23.61 -10.23 -13.69
CA ASN A 14 -24.30 -8.94 -13.82
C ASN A 14 -24.09 -8.02 -12.62
N LEU A 15 -24.13 -8.62 -11.44
CA LEU A 15 -23.84 -7.89 -10.18
C LEU A 15 -22.36 -7.52 -10.08
N TYR A 16 -21.49 -8.50 -10.30
CA TYR A 16 -20.06 -8.24 -10.26
C TYR A 16 -19.66 -7.15 -11.23
N PHE A 17 -20.33 -7.05 -12.38
CA PHE A 17 -19.93 -6.06 -13.36
C PHE A 17 -20.08 -4.65 -12.80
N GLN A 18 -21.15 -4.41 -12.04
CA GLN A 18 -21.38 -3.10 -11.46
C GLN A 18 -20.31 -2.75 -10.42
N GLY A 19 -19.90 -3.73 -9.63
CA GLY A 19 -18.79 -3.54 -8.67
C GLY A 19 -17.45 -3.34 -9.36
N LYS A 21 -17.07 -1.96 -12.33
CA LYS A 21 -17.05 -0.62 -12.93
C LYS A 21 -16.80 0.45 -11.88
N ARG A 22 -17.32 0.24 -10.68
CA ARG A 22 -17.10 1.18 -9.58
C ARG A 22 -15.65 1.20 -9.14
N ALA A 23 -15.07 0.02 -9.00
CA ALA A 23 -13.65 -0.11 -8.67
C ALA A 23 -12.76 0.55 -9.74
N LEU A 24 -13.06 0.30 -11.01
CA LEU A 24 -12.29 0.86 -12.11
C LEU A 24 -12.36 2.38 -12.06
N GLU A 25 -13.58 2.90 -11.94
CA GLU A 25 -13.83 4.34 -11.85
C GLU A 25 -13.06 4.96 -10.70
N PHE A 26 -13.18 4.33 -9.52
CA PHE A 26 -12.54 4.88 -8.35
C PHE A 26 -11.01 4.85 -8.46
N LEU A 27 -10.46 3.74 -8.94
CA LEU A 27 -9.02 3.62 -9.13
C LEU A 27 -8.48 4.63 -10.13
N LYS A 28 -9.25 4.89 -11.20
CA LYS A 28 -8.94 6.00 -12.10
C LYS A 28 -8.93 7.36 -11.40
N GLU A 29 -9.84 7.61 -10.46
CA GLU A 29 -9.84 8.84 -9.68
C GLU A 29 -8.58 8.94 -8.81
N CYS A 30 -8.14 7.81 -8.28
CA CYS A 30 -6.95 7.78 -7.41
C CYS A 30 -5.72 8.09 -8.23
N GLY A 31 -5.66 7.55 -9.45
CA GLY A 31 -4.50 7.64 -10.31
C GLY A 31 -3.50 6.60 -9.88
N VAL A 32 -2.65 6.96 -8.93
CA VAL A 32 -1.73 6.00 -8.37
CA VAL A 32 -1.72 6.01 -8.34
C VAL A 32 -2.46 5.23 -7.27
N PHE A 33 -2.22 3.94 -7.19
CA PHE A 33 -2.74 3.14 -6.13
C PHE A 33 -1.64 2.17 -5.69
N TYR A 34 -1.88 1.50 -4.57
CA TYR A 34 -0.86 0.68 -3.95
C TYR A 34 -1.27 -0.79 -3.90
N LEU A 35 -0.42 -1.64 -4.45
CA LEU A 35 -0.68 -3.07 -4.59
C LEU A 35 0.13 -3.82 -3.55
N ALA A 36 -0.57 -4.51 -2.65
CA ALA A 36 0.09 -5.31 -1.63
C ALA A 36 0.03 -6.80 -1.99
N THR A 37 1.18 -7.44 -1.89
CA THR A 37 1.37 -8.87 -2.05
C THR A 37 2.11 -9.40 -0.81
N ASN A 38 2.35 -10.70 -0.81
CA ASN A 38 3.18 -11.41 0.17
C ASN A 38 4.38 -11.99 -0.55
N GLU A 39 5.50 -12.03 0.16
CA GLU A 39 6.66 -12.86 -0.17
C GLU A 39 6.89 -13.70 1.06
N GLY A 40 6.23 -14.86 1.09
CA GLY A 40 6.11 -15.64 2.31
C GLY A 40 5.46 -14.82 3.41
N ASP A 41 6.13 -14.71 4.55
CA ASP A 41 5.59 -13.94 5.69
C ASP A 41 5.92 -12.46 5.63
N GLN A 42 6.53 -12.00 4.54
CA GLN A 42 6.87 -10.58 4.36
C GLN A 42 5.88 -9.87 3.44
N PRO A 43 5.06 -8.96 3.99
CA PRO A 43 4.25 -8.12 3.12
C PRO A 43 5.12 -7.24 2.25
N ARG A 44 4.64 -7.01 1.04
CA ARG A 44 5.26 -6.11 0.08
C ARG A 44 4.19 -5.17 -0.48
N VAL A 45 4.57 -3.92 -0.72
CA VAL A 45 3.69 -2.92 -1.31
C VAL A 45 4.47 -1.95 -2.16
N ARG A 46 3.84 -1.54 -3.25
CA ARG A 46 4.47 -0.62 -4.20
C ARG A 46 3.38 0.11 -4.98
N PRO A 47 3.70 1.29 -5.53
CA PRO A 47 2.71 2.00 -6.34
C PRO A 47 2.49 1.31 -7.70
N PHE A 48 1.22 1.25 -8.09
CA PHE A 48 0.77 0.81 -9.41
C PHE A 48 -0.09 1.94 -10.00
N GLY A 49 -0.29 1.97 -11.30
CA GLY A 49 -1.00 3.10 -11.87
C GLY A 49 -1.75 2.91 -13.15
N ALA A 50 -1.95 1.68 -13.57
CA ALA A 50 -2.62 1.42 -14.85
C ALA A 50 -3.70 0.43 -14.52
N VAL A 51 -4.91 0.73 -14.95
CA VAL A 51 -6.02 -0.20 -14.86
C VAL A 51 -6.82 -0.06 -16.12
N PHE A 52 -7.43 -1.17 -16.52
CA PHE A 52 -8.34 -1.16 -17.65
C PHE A 52 -9.32 -2.32 -17.48
N GLU A 53 -10.39 -2.29 -18.26
CA GLU A 53 -11.38 -3.37 -18.25
C GLU A 53 -11.35 -4.15 -19.55
N TYR A 54 -11.63 -5.44 -19.45
CA TYR A 54 -11.83 -6.27 -20.61
C TYR A 54 -12.74 -7.43 -20.26
N GLU A 55 -13.75 -7.66 -21.10
CA GLU A 55 -14.76 -8.72 -20.87
C GLU A 55 -15.33 -8.71 -19.45
N GLY A 56 -15.56 -7.51 -18.91
CA GLY A 56 -16.17 -7.37 -17.59
C GLY A 56 -15.24 -7.57 -16.41
N LYS A 57 -13.93 -7.72 -16.68
CA LYS A 57 -12.93 -7.95 -15.65
C LYS A 57 -12.02 -6.73 -15.48
N LEU A 58 -11.54 -6.55 -14.26
CA LEU A 58 -10.62 -5.49 -13.91
C LEU A 58 -9.19 -5.99 -14.01
N TYR A 59 -8.41 -5.33 -14.87
CA TYR A 59 -7.02 -5.69 -15.12
C TYR A 59 -6.03 -4.66 -14.57
N ILE A 60 -4.88 -5.18 -14.12
CA ILE A 60 -3.67 -4.43 -13.81
C ILE A 60 -2.58 -4.95 -14.71
N VAL A 61 -1.46 -4.25 -14.79
CA VAL A 61 -0.38 -4.66 -15.66
C VAL A 61 0.90 -4.77 -14.86
N SER A 62 1.80 -5.61 -15.33
CA SER A 62 3.12 -5.70 -14.77
C SER A 62 4.08 -6.29 -15.81
N ASN A 63 5.17 -6.84 -15.31
CA ASN A 63 6.32 -7.29 -16.09
C ASN A 63 6.71 -8.63 -15.46
N ASN A 64 6.82 -9.68 -16.27
CA ASN A 64 7.02 -11.03 -15.74
C ASN A 64 8.41 -11.31 -15.17
N THR A 65 9.30 -10.31 -15.23
CA THR A 65 10.61 -10.40 -14.62
C THR A 65 10.63 -9.81 -13.21
N LYS A 66 9.56 -9.12 -12.80
CA LYS A 66 9.56 -8.40 -11.52
C LYS A 66 9.17 -9.27 -10.33
N LYS A 67 9.69 -8.95 -9.16
CA LYS A 67 9.34 -9.64 -7.93
C LYS A 67 7.83 -9.59 -7.66
N CYS A 68 7.21 -8.45 -7.92
CA CYS A 68 5.78 -8.31 -7.65
CA CYS A 68 5.78 -8.29 -7.68
C CYS A 68 4.97 -9.30 -8.47
N PHE A 69 5.33 -9.50 -9.73
CA PHE A 69 4.66 -10.48 -10.58
C PHE A 69 4.85 -11.89 -10.03
N LYS A 70 6.08 -12.23 -9.71
CA LYS A 70 6.39 -13.58 -9.23
C LYS A 70 5.61 -13.84 -7.92
N GLN A 71 5.49 -12.81 -7.09
CA GLN A 71 4.72 -12.91 -5.84
C GLN A 71 3.26 -13.20 -6.12
N ILE A 73 1.98 -14.70 -8.72
CA ILE A 73 1.90 -16.08 -9.23
C ILE A 73 1.96 -17.06 -8.07
N GLN A 74 2.89 -16.82 -7.14
CA GLN A 74 3.11 -17.71 -6.01
C GLN A 74 1.95 -17.66 -5.01
N ASN A 75 1.35 -16.48 -4.85
CA ASN A 75 0.20 -16.27 -3.94
C ASN A 75 -0.73 -15.26 -4.59
N PRO A 76 -1.84 -15.72 -5.15
CA PRO A 76 -2.74 -14.85 -5.89
C PRO A 76 -3.51 -13.85 -5.03
N LYS A 77 -3.46 -13.99 -3.71
CA LYS A 77 -4.17 -13.06 -2.84
C LYS A 77 -3.43 -11.75 -2.78
N VAL A 78 -4.17 -10.68 -3.06
CA VAL A 78 -3.64 -9.33 -3.00
C VAL A 78 -4.60 -8.39 -2.30
N GLU A 79 -4.12 -7.19 -1.95
CA GLU A 79 -5.01 -6.10 -1.58
C GLU A 79 -4.51 -4.81 -2.23
N ILE A 80 -5.45 -3.97 -2.67
CA ILE A 80 -5.15 -2.65 -3.22
C ILE A 80 -5.73 -1.56 -2.33
N SER A 81 -4.99 -0.48 -2.12
CA SER A 81 -5.55 0.70 -1.51
C SER A 81 -5.07 1.96 -2.23
N GLY A 82 -5.90 3.00 -2.18
CA GLY A 82 -5.58 4.25 -2.80
C GLY A 82 -6.56 5.32 -2.35
N ASN A 84 -8.31 9.41 -3.36
CA ASN A 84 -8.55 10.42 -4.39
C ASN A 84 -8.37 11.82 -3.81
N LYS A 85 -8.62 12.86 -4.61
CA LYS A 85 -8.30 14.24 -4.19
C LYS A 85 -9.17 14.75 -3.06
N LYS A 86 -10.35 14.16 -2.91
CA LYS A 86 -11.27 14.48 -1.83
C LYS A 86 -10.95 13.75 -0.53
N GLY A 87 -9.92 12.91 -0.52
CA GLY A 87 -9.60 12.14 0.68
C GLY A 87 -10.42 10.85 0.87
N GLN A 88 -11.21 10.47 -0.12
CA GLN A 88 -11.90 9.18 -0.07
C GLN A 88 -10.89 8.12 -0.41
N TRP A 89 -11.05 6.93 0.18
CA TRP A 89 -10.10 5.88 -0.10
C TRP A 89 -10.78 4.51 -0.31
N ILE A 90 -10.06 3.64 -0.99
CA ILE A 90 -10.56 2.31 -1.30
C ILE A 90 -9.70 1.24 -0.65
N ARG A 91 -10.33 0.13 -0.30
CA ARG A 91 -9.60 -1.08 -0.04
C ARG A 91 -10.24 -2.19 -0.83
N LEU A 92 -9.44 -2.83 -1.68
CA LEU A 92 -9.97 -3.85 -2.59
C LEU A 92 -9.16 -5.10 -2.32
N THR A 93 -9.82 -6.11 -1.78
CA THR A 93 -9.21 -7.40 -1.47
C THR A 93 -9.61 -8.39 -2.55
N GLY A 94 -8.68 -9.21 -3.05
CA GLY A 94 -9.07 -10.22 -4.01
C GLY A 94 -7.95 -11.13 -4.45
N GLU A 95 -8.21 -11.83 -5.56
CA GLU A 95 -7.22 -12.72 -6.16
C GLU A 95 -7.02 -12.35 -7.63
N VAL A 96 -5.79 -12.49 -8.09
CA VAL A 96 -5.46 -12.16 -9.48
C VAL A 96 -4.99 -13.39 -10.22
N ALA A 97 -5.23 -13.38 -11.54
CA ALA A 97 -4.75 -14.42 -12.43
C ALA A 97 -4.06 -13.75 -13.61
N ASN A 98 -2.90 -14.27 -13.98
CA ASN A 98 -2.24 -13.84 -15.19
C ASN A 98 -3.01 -14.30 -16.45
N ASP A 99 -3.22 -13.40 -17.40
CA ASP A 99 -3.96 -13.72 -18.65
C ASP A 99 -2.94 -13.66 -19.79
N ASP A 100 -2.63 -14.82 -20.35
CA ASP A 100 -1.58 -14.94 -21.38
C ASP A 100 -2.04 -14.67 -22.81
N ARG A 101 -3.30 -14.30 -23.00
CA ARG A 101 -3.84 -14.04 -24.34
C ARG A 101 -3.24 -12.79 -24.96
N ARG A 102 -2.73 -12.94 -26.18
CA ARG A 102 -2.11 -11.86 -26.90
C ARG A 102 -3.07 -10.69 -27.10
N GLU A 103 -4.34 -10.99 -27.36
CA GLU A 103 -5.37 -9.97 -27.60
C GLU A 103 -5.56 -9.03 -26.41
N VAL A 104 -5.37 -9.53 -25.21
CA VAL A 104 -5.53 -8.70 -24.02
C VAL A 104 -4.37 -7.72 -23.89
N LYS A 105 -3.16 -8.18 -24.22
CA LYS A 105 -1.99 -7.31 -24.24
C LYS A 105 -2.16 -6.20 -25.25
N GLU A 106 -2.66 -6.53 -26.44
CA GLU A 106 -2.95 -5.53 -27.46
C GLU A 106 -3.93 -4.47 -26.96
N LEU A 107 -5.00 -4.94 -26.32
CA LEU A 107 -6.02 -4.05 -25.80
C LEU A 107 -5.47 -3.15 -24.70
N ALA A 108 -4.62 -3.70 -23.84
CA ALA A 108 -4.02 -2.92 -22.76
C ALA A 108 -3.26 -1.73 -23.31
N LEU A 109 -2.51 -1.95 -24.38
CA LEU A 109 -1.66 -0.92 -24.97
C LEU A 109 -2.49 0.15 -25.69
N GLU A 110 -3.65 -0.23 -26.19
CA GLU A 110 -4.61 0.74 -26.73
C GLU A 110 -5.38 1.47 -25.63
N ALA A 111 -5.78 0.78 -24.56
CA ALA A 111 -6.52 1.40 -23.46
C ALA A 111 -5.67 2.38 -22.66
N VAL A 112 -4.41 2.03 -22.43
CA VAL A 112 -3.44 2.85 -21.67
C VAL A 112 -2.19 3.03 -22.55
N PRO A 113 -2.28 3.89 -23.57
CA PRO A 113 -1.20 3.97 -24.57
C PRO A 113 0.14 4.44 -24.00
N SER A 114 0.14 5.11 -22.86
CA SER A 114 1.39 5.44 -22.19
C SER A 114 2.24 4.18 -21.88
N LEU A 115 1.60 3.02 -21.76
CA LEU A 115 2.32 1.76 -21.55
C LEU A 115 3.28 1.43 -22.68
N LYS A 116 2.99 1.94 -23.88
CA LYS A 116 3.86 1.69 -25.02
C LYS A 116 5.25 2.28 -24.82
N ASN A 117 5.39 3.22 -23.88
CA ASN A 117 6.71 3.77 -23.56
C ASN A 117 7.64 2.73 -22.95
N TYR A 119 6.44 -1.07 -22.91
CA TYR A 119 6.03 -2.41 -23.28
C TYR A 119 5.58 -2.47 -24.73
N SER A 120 5.66 -3.66 -25.31
CA SER A 120 5.09 -3.94 -26.61
C SER A 120 4.58 -5.38 -26.60
N VAL A 121 3.65 -5.70 -27.49
CA VAL A 121 2.92 -6.98 -27.47
CA VAL A 121 2.93 -6.96 -27.42
C VAL A 121 3.84 -8.20 -27.44
N ASP A 122 4.94 -8.13 -28.18
CA ASP A 122 5.79 -9.30 -28.34
C ASP A 122 7.12 -9.13 -27.64
N ASP A 123 7.14 -8.33 -26.59
CA ASP A 123 8.40 -8.08 -25.90
C ASP A 123 8.82 -9.20 -24.94
N GLY A 124 7.95 -10.18 -24.73
CA GLY A 124 8.28 -11.32 -23.88
C GLY A 124 8.26 -11.03 -22.37
N ILE A 125 8.02 -9.78 -21.98
CA ILE A 125 7.98 -9.45 -20.54
C ILE A 125 6.63 -8.88 -20.06
N PHE A 126 5.90 -8.22 -20.95
CA PHE A 126 4.64 -7.54 -20.59
C PHE A 126 3.62 -8.55 -20.07
N ALA A 127 2.97 -8.23 -18.94
CA ALA A 127 1.99 -9.11 -18.32
C ALA A 127 0.75 -8.30 -17.97
N VAL A 128 -0.40 -8.92 -18.20
CA VAL A 128 -1.66 -8.34 -17.76
C VAL A 128 -2.34 -9.36 -16.86
N LEU A 129 -2.86 -8.90 -15.72
CA LEU A 129 -3.50 -9.78 -14.74
C LEU A 129 -4.86 -9.22 -14.36
N TYR A 130 -5.82 -10.10 -14.11
CA TYR A 130 -7.17 -9.64 -13.74
C TYR A 130 -7.63 -10.21 -12.41
N PHE A 131 -8.58 -9.52 -11.80
CA PHE A 131 -9.18 -9.98 -10.56
C PHE A 131 -10.20 -11.06 -10.85
N THR A 132 -9.93 -12.27 -10.36
CA THR A 132 -10.86 -13.39 -10.56
C THR A 132 -12.05 -13.27 -9.62
N LYS A 133 -11.77 -12.64 -8.48
CA LYS A 133 -12.77 -12.27 -7.50
C LYS A 133 -12.23 -11.18 -6.58
N GLY A 134 -13.13 -10.51 -5.88
CA GLY A 134 -12.68 -9.49 -4.95
C GLY A 134 -13.85 -8.84 -4.27
N GLU A 135 -13.54 -8.18 -3.16
CA GLU A 135 -14.51 -7.39 -2.40
C GLU A 135 -13.85 -6.11 -1.98
N GLY A 136 -14.60 -5.03 -2.09
CA GLY A 136 -14.07 -3.72 -1.83
C GLY A 136 -14.95 -2.86 -0.96
N THR A 137 -14.33 -1.84 -0.41
CA THR A 137 -15.00 -0.81 0.37
C THR A 137 -14.41 0.51 -0.05
N ILE A 138 -15.27 1.49 -0.29
CA ILE A 138 -14.84 2.87 -0.50
C ILE A 138 -15.30 3.66 0.71
N CYS A 139 -14.35 4.35 1.33
CA CYS A 139 -14.58 5.03 2.60
C CYS A 139 -14.49 6.51 2.38
N SER A 140 -15.36 7.22 3.05
CA SER A 140 -15.40 8.68 2.97
C SER A 140 -15.29 9.19 4.39
N PHE A 141 -14.78 10.40 4.51
CA PHE A 141 -14.76 11.05 5.80
C PHE A 141 -16.19 11.10 6.36
N LYS A 142 -17.09 11.69 5.59
CA LYS A 142 -18.49 11.78 5.97
C LYS A 142 -19.29 10.82 5.10
N GLY A 143 -20.09 9.95 5.75
CA GLY A 143 -20.99 9.03 5.03
C GLY A 143 -20.65 7.57 5.23
N GLU A 144 -21.63 6.71 4.94
CA GLU A 144 -21.48 5.26 5.11
C GLU A 144 -20.50 4.72 4.09
N ASN A 145 -19.80 3.66 4.47
CA ASN A 145 -18.94 2.95 3.54
C ASN A 145 -19.76 2.44 2.39
N GLU A 146 -19.17 2.44 1.21
CA GLU A 146 -19.72 1.83 0.03
C GLU A 146 -19.03 0.50 -0.16
N THR A 147 -19.77 -0.60 -0.20
CA THR A 147 -19.14 -1.90 -0.39
C THR A 147 -19.56 -2.47 -1.72
N PHE A 148 -18.69 -3.28 -2.30
CA PHE A 148 -18.96 -3.87 -3.57
C PHE A 148 -18.17 -5.17 -3.72
N SER A 149 -18.56 -5.98 -4.69
CA SER A 149 -17.94 -7.26 -5.01
C SER A 149 -17.59 -7.24 -6.48
N LEU A 150 -16.53 -7.93 -6.86
CA LEU A 150 -16.32 -8.22 -8.26
C LEU A 150 -15.92 -9.68 -8.52
N HIS B 10 31.18 14.03 13.10
CA HIS B 10 30.65 12.83 13.83
C HIS B 10 29.78 12.01 12.90
N HIS B 11 30.37 11.67 11.75
CA HIS B 11 29.67 10.87 10.76
C HIS B 11 29.29 9.52 11.37
N HIS B 12 30.22 8.95 12.14
CA HIS B 12 29.99 7.66 12.78
C HIS B 12 28.68 7.70 13.57
N GLU B 13 28.58 8.72 14.42
CA GLU B 13 27.44 8.87 15.32
C GLU B 13 26.16 9.09 14.55
N ASN B 14 26.24 9.79 13.41
CA ASN B 14 25.03 10.06 12.59
C ASN B 14 24.36 8.80 12.10
N LEU B 15 25.14 7.73 11.95
CA LEU B 15 24.64 6.48 11.39
C LEU B 15 23.46 5.88 12.17
N TYR B 16 23.47 6.04 13.47
CA TYR B 16 22.33 5.62 14.27
C TYR B 16 21.04 6.26 13.73
N PHE B 17 21.17 7.48 13.19
CA PHE B 17 20.05 8.32 12.88
C PHE B 17 19.75 8.44 11.41
N GLN B 18 20.75 8.37 10.55
CA GLN B 18 20.56 8.89 9.19
C GLN B 18 19.49 8.20 8.38
N GLY B 19 19.39 6.89 8.45
CA GLY B 19 18.34 6.19 7.70
C GLY B 19 16.96 6.51 8.23
N LYS B 21 16.09 9.18 9.90
CA LYS B 21 15.82 10.60 9.61
C LYS B 21 15.39 10.76 8.16
N ARG B 22 16.02 10.02 7.26
CA ARG B 22 15.66 10.10 5.86
C ARG B 22 14.26 9.55 5.65
N ALA B 23 13.94 8.43 6.28
CA ALA B 23 12.60 7.84 6.17
C ALA B 23 11.56 8.79 6.76
N LEU B 24 11.86 9.39 7.91
CA LEU B 24 10.95 10.32 8.59
C LEU B 24 10.64 11.52 7.69
N GLU B 25 11.70 12.13 7.17
CA GLU B 25 11.59 13.30 6.29
C GLU B 25 10.74 12.98 5.07
N PHE B 26 11.01 11.85 4.45
CA PHE B 26 10.29 11.46 3.25
C PHE B 26 8.82 11.18 3.53
N LEU B 27 8.52 10.44 4.58
CA LEU B 27 7.13 10.11 4.93
C LEU B 27 6.33 11.35 5.35
N LYS B 28 7.00 12.34 5.93
CA LYS B 28 6.34 13.62 6.24
C LYS B 28 5.98 14.34 4.93
N GLU B 29 6.85 14.23 3.91
CA GLU B 29 6.61 14.84 2.59
C GLU B 29 5.42 14.13 1.93
N CYS B 30 5.31 12.84 2.15
CA CYS B 30 4.22 12.07 1.58
C CYS B 30 2.87 12.51 2.15
N GLY B 31 2.83 12.72 3.45
CA GLY B 31 1.58 13.04 4.15
C GLY B 31 0.84 11.73 4.43
N VAL B 32 0.23 11.21 3.37
CA VAL B 32 -0.42 9.92 3.44
C VAL B 32 0.55 8.91 2.81
N PHE B 33 0.74 7.80 3.47
CA PHE B 33 1.51 6.68 2.94
C PHE B 33 0.72 5.39 3.22
N TYR B 34 1.24 4.26 2.75
CA TYR B 34 0.49 3.01 2.75
C TYR B 34 1.27 1.96 3.51
N LEU B 35 0.62 1.34 4.48
CA LEU B 35 1.22 0.34 5.33
CA LEU B 35 1.26 0.32 5.30
C LEU B 35 0.67 -1.04 5.00
N ALA B 36 1.54 -1.97 4.63
CA ALA B 36 1.14 -3.32 4.32
C ALA B 36 1.55 -4.27 5.44
N THR B 37 0.58 -5.10 5.83
CA THR B 37 0.74 -6.17 6.80
C THR B 37 0.24 -7.46 6.16
N ASN B 38 0.37 -8.58 6.86
CA ASN B 38 -0.23 -9.86 6.50
C ASN B 38 -1.31 -10.23 7.53
N GLU B 39 -2.35 -10.90 7.07
CA GLU B 39 -3.28 -11.60 7.95
C GLU B 39 -3.20 -13.05 7.45
N GLY B 40 -2.27 -13.81 8.01
CA GLY B 40 -1.89 -15.07 7.46
C GLY B 40 -1.38 -14.90 6.04
N ASP B 41 -1.95 -15.65 5.09
CA ASP B 41 -1.51 -15.56 3.70
C ASP B 41 -2.18 -14.44 2.91
N GLN B 42 -2.97 -13.61 3.59
CA GLN B 42 -3.68 -12.51 2.93
C GLN B 42 -2.95 -11.18 3.18
N PRO B 43 -2.36 -10.59 2.12
CA PRO B 43 -1.81 -9.25 2.31
C PRO B 43 -2.91 -8.25 2.65
N ARG B 44 -2.56 -7.24 3.46
CA ARG B 44 -3.47 -6.15 3.79
C ARG B 44 -2.72 -4.83 3.65
N VAL B 45 -3.40 -3.82 3.15
CA VAL B 45 -2.81 -2.47 3.03
C VAL B 45 -3.86 -1.41 3.24
N ARG B 46 -3.46 -0.29 3.84
CA ARG B 46 -4.37 0.80 4.11
C ARG B 46 -3.56 2.08 4.23
N PRO B 47 -4.21 3.21 4.03
CA PRO B 47 -3.47 4.49 4.21
C PRO B 47 -3.19 4.82 5.67
N PHE B 48 -1.99 5.36 5.91
CA PHE B 48 -1.59 5.89 7.20
C PHE B 48 -1.24 7.36 6.97
N GLY B 49 -1.29 8.16 8.04
CA GLY B 49 -1.18 9.61 7.87
C GLY B 49 -0.29 10.30 8.84
N ALA B 50 0.50 9.56 9.61
CA ALA B 50 1.32 10.19 10.64
C ALA B 50 2.57 9.40 10.92
N VAL B 51 3.61 10.13 11.29
CA VAL B 51 4.85 9.54 11.65
CA VAL B 51 4.87 9.54 11.65
C VAL B 51 5.53 10.50 12.63
N PHE B 52 6.30 9.96 13.57
CA PHE B 52 7.09 10.78 14.47
C PHE B 52 8.35 10.06 14.91
N GLU B 53 9.27 10.78 15.53
CA GLU B 53 10.52 10.21 16.00
C GLU B 53 10.59 10.33 17.50
N TYR B 54 11.23 9.34 18.12
CA TYR B 54 11.50 9.43 19.55
C TYR B 54 12.80 8.70 19.81
N GLU B 55 13.77 9.46 20.33
CA GLU B 55 15.12 8.96 20.60
C GLU B 55 15.72 8.07 19.50
N GLY B 56 15.66 8.56 18.28
CA GLY B 56 16.34 7.90 17.17
C GLY B 56 15.54 6.80 16.50
N LYS B 57 14.29 6.59 16.91
CA LYS B 57 13.42 5.58 16.25
C LYS B 57 12.22 6.19 15.57
N LEU B 58 11.78 5.50 14.51
CA LEU B 58 10.67 5.93 13.68
C LEU B 58 9.40 5.25 14.17
N TYR B 59 8.40 6.06 14.52
CA TYR B 59 7.13 5.58 15.05
C TYR B 59 5.94 5.86 14.16
N ILE B 60 4.95 4.97 14.24
CA ILE B 60 3.65 5.13 13.65
C ILE B 60 2.62 4.94 14.77
N VAL B 61 1.36 5.25 14.48
CA VAL B 61 0.28 5.16 15.47
C VAL B 61 -0.86 4.28 15.00
N SER B 62 -1.55 3.70 15.97
CA SER B 62 -2.71 2.89 15.69
C SER B 62 -3.56 2.88 16.95
N ASN B 63 -4.52 1.96 17.00
CA ASN B 63 -5.19 1.70 18.25
C ASN B 63 -5.39 0.23 18.41
N ASN B 64 -5.41 -0.20 19.67
CA ASN B 64 -5.26 -1.61 19.93
C ASN B 64 -6.50 -2.45 19.64
N THR B 65 -7.57 -1.81 19.18
CA THR B 65 -8.77 -2.53 18.76
C THR B 65 -8.81 -2.79 17.25
N LYS B 66 -7.87 -2.22 16.51
CA LYS B 66 -7.90 -2.27 15.03
C LYS B 66 -7.27 -3.55 14.55
N LYS B 67 -7.78 -4.08 13.44
CA LYS B 67 -7.16 -5.22 12.78
C LYS B 67 -5.69 -4.99 12.43
N CYS B 68 -5.34 -3.79 11.97
CA CYS B 68 -3.97 -3.52 11.56
C CYS B 68 -3.02 -3.72 12.75
N PHE B 69 -3.42 -3.24 13.91
CA PHE B 69 -2.61 -3.40 15.12
C PHE B 69 -2.45 -4.87 15.47
N LYS B 70 -3.56 -5.59 15.45
CA LYS B 70 -3.55 -7.02 15.76
C LYS B 70 -2.65 -7.76 14.80
N GLN B 71 -2.69 -7.38 13.51
CA GLN B 71 -1.82 -7.99 12.49
C GLN B 71 -0.35 -7.72 12.74
N ILE B 73 1.06 -7.18 15.65
CA ILE B 73 1.50 -7.96 16.81
C ILE B 73 1.74 -9.41 16.42
N GLN B 74 0.84 -9.99 15.63
CA GLN B 74 0.94 -11.37 15.16
C GLN B 74 2.14 -11.60 14.23
N ASN B 75 2.39 -10.63 13.36
CA ASN B 75 3.53 -10.66 12.45
C ASN B 75 4.12 -9.28 12.37
N PRO B 76 5.29 -9.08 12.98
CA PRO B 76 5.86 -7.74 13.00
C PRO B 76 6.41 -7.23 11.68
N LYS B 77 6.51 -8.08 10.66
CA LYS B 77 7.03 -7.69 9.38
C LYS B 77 6.02 -6.83 8.62
N VAL B 78 6.47 -5.67 8.17
CA VAL B 78 5.62 -4.76 7.41
C VAL B 78 6.41 -4.17 6.23
N GLU B 79 5.69 -3.51 5.33
CA GLU B 79 6.34 -2.68 4.33
C GLU B 79 5.47 -1.45 4.15
N ILE B 80 6.14 -0.31 3.96
CA ILE B 80 5.48 0.96 3.69
C ILE B 80 5.86 1.44 2.30
N SER B 81 4.90 2.06 1.60
CA SER B 81 5.22 2.80 0.38
C SER B 81 4.38 4.06 0.31
N GLY B 82 4.87 5.05 -0.42
CA GLY B 82 4.19 6.32 -0.56
C GLY B 82 4.99 7.18 -1.53
N ASN B 84 5.99 11.37 -2.69
CA ASN B 84 6.06 12.75 -2.25
C ASN B 84 5.53 13.68 -3.34
N LYS B 85 5.81 14.98 -3.25
CA LYS B 85 5.28 15.91 -4.23
C LYS B 85 6.19 16.11 -5.43
N LYS B 86 7.28 15.34 -5.51
CA LYS B 86 8.35 15.52 -6.47
C LYS B 86 8.49 14.29 -7.35
N GLY B 87 7.47 13.44 -7.37
CA GLY B 87 7.52 12.25 -8.22
C GLY B 87 8.43 11.13 -7.71
N GLN B 88 8.80 11.18 -6.44
CA GLN B 88 9.60 10.13 -5.85
C GLN B 88 8.70 9.21 -5.04
N TRP B 89 9.13 7.96 -4.92
CA TRP B 89 8.48 7.01 -4.01
C TRP B 89 9.45 6.23 -3.14
N ILE B 90 8.94 5.81 -1.97
CA ILE B 90 9.71 5.02 -1.02
C ILE B 90 9.16 3.60 -0.94
N ARG B 91 10.08 2.66 -0.66
CA ARG B 91 9.76 1.32 -0.19
C ARG B 91 10.56 1.17 1.09
N LEU B 92 9.87 1.01 2.22
CA LEU B 92 10.50 0.83 3.52
C LEU B 92 10.00 -0.47 4.12
N THR B 93 10.92 -1.44 4.20
CA THR B 93 10.64 -2.77 4.71
C THR B 93 11.22 -2.84 6.11
N GLY B 94 10.50 -3.46 7.03
CA GLY B 94 11.01 -3.61 8.38
C GLY B 94 10.12 -4.38 9.32
N GLU B 95 10.45 -4.28 10.60
CA GLU B 95 9.68 -4.92 11.67
C GLU B 95 9.32 -3.86 12.67
N VAL B 96 8.13 -3.98 13.26
CA VAL B 96 7.66 -3.00 14.24
C VAL B 96 7.46 -3.66 15.61
N ALA B 97 7.55 -2.83 16.64
CA ALA B 97 7.32 -3.20 18.04
C ALA B 97 6.40 -2.18 18.69
N ASN B 98 5.43 -2.67 19.44
CA ASN B 98 4.62 -1.80 20.30
C ASN B 98 5.44 -1.18 21.41
N ASP B 99 5.15 0.08 21.74
CA ASP B 99 5.76 0.77 22.90
C ASP B 99 4.65 1.33 23.78
N ASP B 100 4.50 0.74 24.97
CA ASP B 100 3.43 1.12 25.88
C ASP B 100 3.67 2.37 26.74
N ARG B 101 4.85 2.97 26.65
CA ARG B 101 5.21 4.09 27.54
C ARG B 101 4.33 5.31 27.37
N ARG B 102 3.77 5.79 28.49
CA ARG B 102 3.04 7.04 28.47
C ARG B 102 3.85 8.19 27.87
N GLU B 103 5.14 8.24 28.17
CA GLU B 103 5.94 9.39 27.78
C GLU B 103 5.99 9.51 26.23
N VAL B 104 6.03 8.36 25.55
CA VAL B 104 6.10 8.31 24.10
C VAL B 104 4.74 8.69 23.53
N LYS B 105 3.68 8.19 24.14
CA LYS B 105 2.33 8.54 23.70
C LYS B 105 2.07 10.04 23.89
N GLU B 106 2.59 10.63 24.97
CA GLU B 106 2.49 12.07 25.20
C GLU B 106 3.16 12.84 24.09
N LEU B 107 4.36 12.42 23.70
CA LEU B 107 5.07 13.07 22.63
C LEU B 107 4.32 12.91 21.31
N ALA B 108 3.75 11.73 21.08
CA ALA B 108 2.97 11.49 19.88
C ALA B 108 1.84 12.49 19.72
N LEU B 109 1.11 12.74 20.80
CA LEU B 109 -0.04 13.65 20.76
C LEU B 109 0.38 15.10 20.52
N GLU B 110 1.62 15.45 20.90
CA GLU B 110 2.12 16.78 20.61
CA GLU B 110 2.21 16.77 20.62
C GLU B 110 2.72 16.85 19.20
N ALA B 111 3.34 15.77 18.74
CA ALA B 111 3.89 15.72 17.40
C ALA B 111 2.80 15.58 16.34
N VAL B 112 1.70 14.92 16.67
CA VAL B 112 0.59 14.67 15.72
C VAL B 112 -0.71 15.11 16.36
N PRO B 113 -0.94 16.43 16.42
CA PRO B 113 -2.02 16.97 17.22
C PRO B 113 -3.43 16.58 16.78
N SER B 114 -3.61 16.18 15.52
CA SER B 114 -4.93 15.66 15.12
C SER B 114 -5.41 14.48 15.99
N LEU B 115 -4.47 13.74 16.57
CA LEU B 115 -4.80 12.59 17.43
C LEU B 115 -5.53 12.95 18.70
N LYS B 116 -5.30 14.17 19.19
CA LYS B 116 -5.89 14.63 20.44
C LYS B 116 -7.41 14.67 20.29
N ASN B 117 -7.86 14.84 19.06
CA ASN B 117 -9.30 14.79 18.70
C ASN B 117 -9.98 13.47 19.16
N TYR B 119 -7.76 10.49 20.86
CA TYR B 119 -6.96 9.69 21.78
C TYR B 119 -6.46 10.50 22.97
N SER B 120 -6.25 9.83 24.08
CA SER B 120 -5.55 10.42 25.22
C SER B 120 -4.66 9.35 25.80
N VAL B 121 -3.69 9.76 26.61
CA VAL B 121 -2.62 8.84 26.97
C VAL B 121 -3.16 7.67 27.78
N ASP B 122 -4.23 7.89 28.53
CA ASP B 122 -4.72 6.86 29.45
C ASP B 122 -6.05 6.26 29.01
N ASP B 123 -6.34 6.36 27.71
CA ASP B 123 -7.61 5.87 27.15
C ASP B 123 -7.72 4.35 26.94
N GLY B 124 -6.65 3.60 27.18
CA GLY B 124 -6.69 2.14 27.03
C GLY B 124 -6.80 1.60 25.59
N ILE B 125 -6.71 2.50 24.62
CA ILE B 125 -6.86 2.15 23.19
CA ILE B 125 -6.78 2.08 23.20
C ILE B 125 -5.66 2.65 22.34
N PHE B 126 -5.23 3.87 22.61
CA PHE B 126 -4.20 4.49 21.79
C PHE B 126 -2.91 3.66 21.81
N ALA B 127 -2.32 3.47 20.64
CA ALA B 127 -1.06 2.70 20.53
C ALA B 127 -0.05 3.35 19.61
N VAL B 128 1.23 3.17 19.96
CA VAL B 128 2.34 3.63 19.12
C VAL B 128 3.32 2.48 18.99
N LEU B 129 3.88 2.37 17.79
CA LEU B 129 4.80 1.30 17.42
C LEU B 129 5.99 1.91 16.68
N TYR B 130 7.18 1.33 16.89
CA TYR B 130 8.38 1.81 16.23
C TYR B 130 9.05 0.71 15.42
N PHE B 131 9.80 1.14 14.42
CA PHE B 131 10.62 0.24 13.62
C PHE B 131 11.86 -0.20 14.41
N THR B 132 11.95 -1.50 14.65
CA THR B 132 13.11 -2.06 15.34
C THR B 132 14.27 -2.23 14.37
N LYS B 133 13.92 -2.38 13.10
CA LYS B 133 14.89 -2.51 12.02
C LYS B 133 14.19 -2.27 10.70
N GLY B 134 14.97 -1.98 9.68
CA GLY B 134 14.38 -1.77 8.37
C GLY B 134 15.38 -1.38 7.32
N GLU B 135 14.93 -1.47 6.08
CA GLU B 135 15.71 -1.13 4.90
C GLU B 135 14.80 -0.29 4.01
N GLY B 136 15.31 0.83 3.50
CA GLY B 136 14.55 1.68 2.59
C GLY B 136 15.23 1.94 1.26
N THR B 137 14.40 2.15 0.25
CA THR B 137 14.83 2.59 -1.06
C THR B 137 13.92 3.75 -1.46
N ILE B 138 14.51 4.85 -1.93
CA ILE B 138 13.79 5.95 -2.54
C ILE B 138 14.12 6.01 -4.03
N CYS B 139 13.08 6.02 -4.87
CA CYS B 139 13.20 5.99 -6.33
CA CYS B 139 13.30 6.06 -6.30
C CYS B 139 12.59 7.24 -6.96
N SER B 140 13.06 7.60 -8.15
CA SER B 140 12.40 8.62 -8.97
CA SER B 140 12.38 8.60 -8.98
C SER B 140 12.18 8.10 -10.39
N PHE B 141 11.35 8.81 -11.14
CA PHE B 141 11.26 8.61 -12.59
C PHE B 141 12.55 9.18 -13.16
N LYS B 142 13.59 8.35 -13.19
CA LYS B 142 14.96 8.76 -13.51
C LYS B 142 15.90 7.63 -13.08
N ASN B 145 18.36 5.16 -7.66
CA ASN B 145 17.84 4.71 -6.37
C ASN B 145 18.76 5.05 -5.20
N GLU B 146 18.19 5.60 -4.14
CA GLU B 146 18.92 5.87 -2.93
C GLU B 146 18.51 4.76 -1.99
N THR B 147 19.46 4.07 -1.37
CA THR B 147 19.14 3.08 -0.36
C THR B 147 19.75 3.44 0.99
N PHE B 148 19.12 2.95 2.05
CA PHE B 148 19.59 3.20 3.38
C PHE B 148 19.02 2.13 4.28
N SER B 149 19.63 2.00 5.45
CA SER B 149 19.18 1.07 6.46
C SER B 149 18.78 1.86 7.70
N LEU B 150 17.69 1.46 8.35
CA LEU B 150 17.39 2.04 9.65
C LEU B 150 18.43 1.55 10.65
#